data_3SKZ
#
_entry.id   3SKZ
#
_cell.length_a   34.806
_cell.length_b   47.208
_cell.length_c   227.279
_cell.angle_alpha   90.00
_cell.angle_beta   90.00
_cell.angle_gamma   90.00
#
_symmetry.space_group_name_H-M   'P 21 21 21'
#
loop_
_entity.id
_entity.type
_entity.pdbx_description
1 polymer 'RNA (68-MER)'
2 non-polymer GUANOSINE
3 non-polymer 'MAGNESIUM ION'
4 non-polymer 'SULFATE ION'
5 non-polymer 'SUCCINIC ACID'
6 water water
#
_entity_poly.entity_id   1
_entity_poly.type   'polyribonucleotide'
_entity_poly.pdbx_seq_one_letter_code
;(GTP)GCCUUAUACAGGGUAGCAUAAUGGGCUACUGACCCCGCCUUCAAACCUAUUUGGAGACUAUAAGGU(CCC)
;
_entity_poly.pdbx_strand_id   A,B
#
loop_
_chem_comp.id
_chem_comp.type
_chem_comp.name
_chem_comp.formula
A RNA linking ADENOSINE-5'-MONOPHOSPHATE 'C10 H14 N5 O7 P'
C RNA linking CYTIDINE-5'-MONOPHOSPHATE 'C9 H14 N3 O8 P'
CCC RNA linking 'CYTIDINE-5'-PHOSPHATE-2',3'-CYCLIC PHOSPHATE' 'C9 H13 N3 O10 P2'
G RNA linking GUANOSINE-5'-MONOPHOSPHATE 'C10 H14 N5 O8 P'
GMP non-polymer GUANOSINE 'C10 H13 N5 O5'
GTP non-polymer GUANOSINE-5'-TRIPHOSPHATE 'C10 H16 N5 O14 P3'
MG non-polymer 'MAGNESIUM ION' 'Mg 2'
SIN non-polymer 'SUCCINIC ACID' 'C4 H6 O4'
SO4 non-polymer 'SULFATE ION' 'O4 S -2'
U RNA linking URIDINE-5'-MONOPHOSPHATE 'C9 H13 N2 O9 P'
#
# COMPACT_ATOMS: atom_id res chain seq x y z
PG GTP A 1 -23.57 -43.42 9.93
O1G GTP A 1 -24.83 -43.69 10.74
O2G GTP A 1 -22.95 -42.11 10.34
O3G GTP A 1 -23.91 -43.39 8.46
O3B GTP A 1 -22.53 -44.63 10.18
PB GTP A 1 -21.55 -44.64 11.46
O1B GTP A 1 -21.72 -45.91 12.27
O2B GTP A 1 -21.74 -43.41 12.31
O3A GTP A 1 -20.10 -44.68 10.76
PA GTP A 1 -19.48 -43.36 10.08
O1A GTP A 1 -19.91 -42.07 10.76
O2A GTP A 1 -19.76 -43.36 8.60
O5' GTP A 1 -17.92 -43.61 10.40
C5' GTP A 1 -17.59 -44.53 11.40
C4' GTP A 1 -16.47 -45.45 10.96
O4' GTP A 1 -17.02 -46.74 10.89
C3' GTP A 1 -15.91 -45.23 9.56
O3' GTP A 1 -14.85 -44.30 9.48
C2' GTP A 1 -15.37 -46.60 9.18
O2' GTP A 1 -14.14 -46.82 9.83
C1' GTP A 1 -16.49 -47.44 9.79
N9 GTP A 1 -17.51 -47.60 8.74
C8 GTP A 1 -18.72 -46.97 8.62
N7 GTP A 1 -19.34 -47.40 7.49
C5 GTP A 1 -18.54 -48.31 6.87
C6 GTP A 1 -18.65 -49.05 5.71
O6 GTP A 1 -19.67 -48.96 5.02
N1 GTP A 1 -17.64 -49.90 5.34
C2 GTP A 1 -16.50 -50.01 6.14
N2 GTP A 1 -15.50 -50.83 5.81
N3 GTP A 1 -16.40 -49.28 7.29
C4 GTP A 1 -17.39 -48.43 7.65
PC CCC A 68 -14.77 -56.98 2.40
O1C CCC A 68 -15.05 -58.19 3.26
O2C CCC A 68 -13.30 -56.59 2.41
P CCC A 68 -18.11 -55.90 -3.30
OP1 CCC A 68 -17.46 -57.08 -3.98
OP2 CCC A 68 -19.61 -55.89 -3.07
O5' CCC A 68 -17.39 -55.69 -1.89
C5' CCC A 68 -15.97 -55.70 -1.80
C4' CCC A 68 -15.63 -55.31 -0.36
O4' CCC A 68 -16.24 -54.05 -0.06
C3' CCC A 68 -16.23 -56.28 0.65
O3' CCC A 68 -15.22 -57.25 0.92
C2' CCC A 68 -16.50 -55.40 1.86
O2' CCC A 68 -15.64 -55.74 2.96
C1' CCC A 68 -16.37 -53.96 1.34
N1 CCC A 68 -17.53 -53.15 1.70
C2 CCC A 68 -17.39 -52.16 2.57
O2 CCC A 68 -16.29 -51.92 3.07
N3 CCC A 68 -18.44 -51.42 2.88
C4 CCC A 68 -19.57 -51.74 2.28
N4 CCC A 68 -20.68 -51.04 2.56
C5 CCC A 68 -19.59 -52.71 1.47
C6 CCC A 68 -18.62 -53.35 1.19
O3B GTP B 1 25.12 50.36 0.47
PB GTP B 1 24.65 50.52 2.01
O1B GTP B 1 25.37 51.67 2.70
O2B GTP B 1 24.89 49.23 2.77
O3A GTP B 1 23.08 50.89 1.89
PA GTP B 1 21.92 49.82 1.57
O1A GTP B 1 22.09 48.51 2.31
O2A GTP B 1 21.80 49.57 0.09
O5' GTP B 1 20.62 50.61 2.13
C5' GTP B 1 19.38 50.51 1.47
C4' GTP B 1 18.66 51.85 1.48
O4' GTP B 1 19.61 52.89 1.50
C3' GTP B 1 17.89 52.09 0.21
O3' GTP B 1 16.60 51.51 0.22
C2' GTP B 1 17.93 53.61 -0.05
O2' GTP B 1 16.92 54.31 0.64
C1' GTP B 1 19.29 53.91 0.58
N9 GTP B 1 20.29 53.90 -0.51
C8 GTP B 1 21.49 53.24 -0.46
N7 GTP B 1 22.14 53.43 -1.63
C5 GTP B 1 21.38 54.21 -2.44
C6 GTP B 1 21.57 54.71 -3.73
O6 GTP B 1 22.61 54.45 -4.36
N1 GTP B 1 20.59 55.50 -4.31
C2 GTP B 1 19.44 55.79 -3.61
N2 GTP B 1 18.49 56.55 -4.17
N3 GTP B 1 19.26 55.29 -2.32
C4 GTP B 1 20.21 54.51 -1.74
PC CCC B 68 17.71 61.91 -8.69
O1C CCC B 68 17.75 63.29 -8.07
O2C CCC B 68 16.33 61.33 -8.53
P CCC B 68 20.93 59.89 -14.15
OP1 CCC B 68 20.46 60.98 -15.07
OP2 CCC B 68 22.38 59.74 -13.75
O5' CCC B 68 20.16 59.99 -12.75
C5' CCC B 68 18.76 59.78 -12.64
C4' CCC B 68 18.39 59.79 -11.15
O4' CCC B 68 18.77 58.56 -10.52
C3' CCC B 68 19.08 60.92 -10.39
O3' CCC B 68 18.15 61.99 -10.23
C2' CCC B 68 19.44 60.31 -9.03
O2' CCC B 68 18.76 60.94 -7.95
C1' CCC B 68 19.11 58.82 -9.15
N1 CCC B 68 20.22 57.98 -8.69
C2 CCC B 68 20.08 57.41 -7.50
O2 CCC B 68 19.05 57.60 -6.85
N3 CCC B 68 21.05 56.65 -7.02
C4 CCC B 68 22.12 56.51 -7.80
N4 CCC B 68 23.13 55.75 -7.38
C5 CCC B 68 22.14 57.10 -8.92
C6 CCC B 68 21.24 57.77 -9.33
O5' GMP C . -21.50 -26.96 3.73
C5' GMP C . -20.46 -27.02 4.68
C4' GMP C . -19.98 -25.65 5.06
O4' GMP C . -18.54 -25.59 4.96
C3' GMP C . -20.46 -24.53 4.16
O3' GMP C . -21.77 -24.08 4.50
C2' GMP C . -19.38 -23.47 4.32
O2' GMP C . -19.55 -22.76 5.54
C1' GMP C . -18.14 -24.35 4.44
N9 GMP C . -17.51 -24.61 3.13
C8 GMP C . -17.95 -24.22 1.93
N7 GMP C . -17.10 -24.70 1.00
C5 GMP C . -16.13 -25.40 1.63
C6 GMP C . -15.02 -26.10 1.21
O6 GMP C . -14.75 -26.14 -0.01
N1 GMP C . -14.22 -26.71 2.10
C2 GMP C . -14.51 -26.63 3.41
N2 GMP C . -13.70 -27.26 4.30
N3 GMP C . -15.59 -25.95 3.86
C4 GMP C . -16.42 -25.34 2.98
MG MG D . -12.24 -23.46 11.87
S SO4 E . -18.92 -42.12 2.93
O1 SO4 E . -19.28 -43.54 2.91
O2 SO4 E . -19.42 -41.50 1.69
O3 SO4 E . -17.47 -41.99 3.02
O4 SO4 E . -19.57 -41.49 4.08
S SO4 F . -2.54 -16.61 -7.95
O1 SO4 F . -2.22 -17.96 -8.40
O2 SO4 F . -1.37 -16.01 -7.31
O3 SO4 F . -3.67 -16.68 -7.02
O4 SO4 F . -2.90 -15.77 -9.09
S SO4 G . -14.88 -29.82 -4.18
O1 SO4 G . -15.06 -28.39 -4.06
O2 SO4 G . -14.69 -30.41 -2.86
O3 SO4 G . -13.69 -30.13 -4.98
O4 SO4 G . -16.07 -30.39 -4.83
S SO4 H . -7.31 0.24 4.58
O1 SO4 H . -7.51 -0.99 3.83
O2 SO4 H . -6.06 0.20 5.33
O3 SO4 H . -8.45 0.48 5.46
O4 SO4 H . -7.26 1.34 3.62
S SO4 I . 2.81 -8.75 -13.96
O1 SO4 I . 3.62 -9.41 -14.98
O2 SO4 I . 1.73 -8.01 -14.61
O3 SO4 I . 3.61 -7.81 -13.18
O4 SO4 I . 2.27 -9.78 -13.06
C1 SIN J . -12.31 -31.34 14.93
O1 SIN J . -12.87 -30.36 15.47
O2 SIN J . -11.24 -31.77 15.43
C2 SIN J . -12.91 -31.97 13.70
C3 SIN J . -14.33 -31.43 13.51
O5' GMP K . 24.10 29.21 -2.00
C5' GMP K . 23.32 30.39 -2.15
C4' GMP K . 22.19 30.43 -1.15
O4' GMP K . 21.22 31.43 -1.54
C3' GMP K . 21.39 29.14 -1.02
O3' GMP K . 22.01 28.19 -0.17
C2' GMP K . 20.06 29.66 -0.50
O2' GMP K . 20.14 30.01 0.88
C1' GMP K . 19.91 30.93 -1.32
N9 GMP K . 19.27 30.69 -2.62
C8 GMP K . 19.78 29.94 -3.60
N7 GMP K . 18.93 29.99 -4.66
C5 GMP K . 17.90 30.77 -4.34
C6 GMP K . 16.74 31.19 -5.00
O6 GMP K . 16.49 30.82 -6.16
N1 GMP K . 15.87 32.01 -4.40
C2 GMP K . 16.10 32.44 -3.14
N2 GMP K . 15.22 33.28 -2.56
N3 GMP K . 17.21 32.05 -2.48
C4 GMP K . 18.12 31.22 -3.05
MG MG L . 11.98 27.27 -10.87
MG MG M . 26.63 50.82 -5.09
S SO4 N . 20.87 47.03 -5.54
O1 SO4 N . 22.07 46.62 -4.80
O2 SO4 N . 20.97 48.44 -5.91
O3 SO4 N . 19.67 46.86 -4.71
O4 SO4 N . 20.78 46.21 -6.74
S SO4 O . 3.80 20.25 -12.20
O1 SO4 O . 4.78 19.15 -12.19
O2 SO4 O . 4.49 21.53 -12.33
O3 SO4 O . 3.02 20.21 -10.97
O4 SO4 O . 2.90 20.08 -13.34
S SO4 P . 8.33 7.20 3.70
O1 SO4 P . 7.96 6.50 2.48
O2 SO4 P . 8.92 8.47 3.33
O3 SO4 P . 9.32 6.40 4.43
O4 SO4 P . 7.15 7.40 4.54
#